data_7SOS
#
_entry.id   7SOS
#
_cell.length_a   37.194
_cell.length_b   46.799
_cell.length_c   58.742
_cell.angle_alpha   90.000
_cell.angle_beta   90.000
_cell.angle_gamma   90.000
#
_symmetry.space_group_name_H-M   'P 21 21 21'
#
loop_
_entity.id
_entity.type
_entity.pdbx_description
1 polymer 'Isoform 2 of La-related protein 1'
2 polymer "RNA (5'-R(*AP*AP*AP*A)-3')"
3 non-polymer 'POTASSIUM ION'
4 water water
#
loop_
_entity_poly.entity_id
_entity_poly.type
_entity_poly.pdbx_seq_one_letter_code
_entity_poly.pdbx_strand_id
1 'polypeptide(L)'
;MGSSHHHHHHSQELLKDYIKRQIEYYFSVDNLERDFFLRRKMDADGFLPITLIASFHRVQALTTDISLIFAALKDSKVVE
IVDEKVRRREEPEKWPLPP
;
A
2 'polyribonucleotide' AAAA B
#
# COMPACT_ATOMS: atom_id res chain seq x y z
N GLN A 12 9.43 5.07 -17.45
CA GLN A 12 8.72 5.24 -16.22
C GLN A 12 9.41 4.49 -15.09
N GLU A 13 10.63 3.99 -15.32
CA GLU A 13 11.23 3.08 -14.34
C GLU A 13 11.61 3.81 -13.06
N LEU A 14 12.16 5.00 -13.16
CA LEU A 14 12.49 5.76 -11.98
C LEU A 14 11.21 6.15 -11.25
N LEU A 15 10.18 6.60 -11.96
CA LEU A 15 8.93 6.96 -11.29
C LEU A 15 8.34 5.75 -10.57
N LYS A 16 8.37 4.57 -11.23
CA LYS A 16 7.88 3.36 -10.56
C LYS A 16 8.63 3.07 -9.28
N ASP A 17 9.96 3.28 -9.27
CA ASP A 17 10.72 3.06 -8.05
C ASP A 17 10.30 4.02 -6.93
N TYR A 18 10.09 5.32 -7.25
CA TYR A 18 9.62 6.26 -6.23
C TYR A 18 8.23 5.83 -5.68
N ILE A 19 7.32 5.40 -6.57
CA ILE A 19 5.99 4.97 -6.11
C ILE A 19 6.09 3.74 -5.22
N LYS A 20 6.91 2.76 -5.62
CA LYS A 20 7.11 1.56 -4.86
C LYS A 20 7.60 1.89 -3.47
N ARG A 21 8.66 2.70 -3.37
CA ARG A 21 9.20 2.99 -2.06
C ARG A 21 8.22 3.80 -1.20
N GLN A 22 7.45 4.68 -1.81
CA GLN A 22 6.47 5.43 -1.03
C GLN A 22 5.42 4.51 -0.44
N ILE A 23 4.92 3.56 -1.22
CA ILE A 23 3.89 2.65 -0.72
C ILE A 23 4.47 1.66 0.28
N GLU A 24 5.75 1.21 0.04
CA GLU A 24 6.39 0.35 1.03
C GLU A 24 6.50 1.06 2.37
N TYR A 25 6.75 2.37 2.38
CA TYR A 25 6.74 3.10 3.65
C TYR A 25 5.39 2.93 4.38
N TYR A 26 4.28 3.12 3.67
CA TYR A 26 2.97 3.00 4.35
C TYR A 26 2.83 1.64 5.00
N PHE A 27 3.36 0.59 4.39
CA PHE A 27 3.27 -0.78 4.89
C PHE A 27 4.43 -1.21 5.76
N SER A 28 5.25 -0.26 6.18
CA SER A 28 6.35 -0.56 7.11
C SER A 28 5.81 -0.68 8.53
N VAL A 29 6.52 -1.42 9.37
CA VAL A 29 6.12 -1.54 10.76
C VAL A 29 6.14 -0.20 11.46
N ASP A 30 7.18 0.60 11.21
CA ASP A 30 7.28 1.91 11.83
C ASP A 30 6.07 2.77 11.54
N ASN A 31 5.59 2.79 10.30
CA ASN A 31 4.37 3.53 10.00
C ASN A 31 3.15 2.86 10.62
N LEU A 32 3.01 1.55 10.46
CA LEU A 32 1.80 0.84 10.89
C LEU A 32 1.54 1.02 12.39
N GLU A 33 2.59 1.08 13.21
CA GLU A 33 2.40 1.28 14.65
C GLU A 33 1.62 2.55 14.98
N ARG A 34 1.62 3.55 14.11
CA ARG A 34 0.89 4.78 14.35
C ARG A 34 -0.21 5.08 13.34
N ASP A 35 -0.40 4.26 12.30
CA ASP A 35 -1.28 4.64 11.20
C ASP A 35 -2.67 4.03 11.44
N PHE A 36 -3.44 4.68 12.31
CA PHE A 36 -4.71 4.15 12.73
C PHE A 36 -5.74 4.24 11.62
N PHE A 37 -5.66 5.25 10.74
CA PHE A 37 -6.57 5.32 9.61
C PHE A 37 -6.36 4.12 8.67
N LEU A 38 -5.11 3.85 8.27
CA LEU A 38 -4.85 2.77 7.35
C LEU A 38 -5.37 1.47 7.91
N ARG A 39 -5.08 1.24 9.22
CA ARG A 39 -5.46 -0.03 9.84
C ARG A 39 -6.97 -0.17 9.99
N ARG A 40 -7.72 0.93 10.17
CA ARG A 40 -9.19 0.90 10.21
C ARG A 40 -9.77 0.53 8.85
N LYS A 41 -9.06 0.84 7.75
CA LYS A 41 -9.57 0.58 6.43
C LYS A 41 -9.20 -0.80 5.92
N MET A 42 -8.35 -1.53 6.63
CA MET A 42 -7.98 -2.89 6.26
C MET A 42 -9.19 -3.80 6.51
N ASP A 43 -9.32 -4.83 5.68
CA ASP A 43 -10.18 -5.97 6.00
C ASP A 43 -9.47 -6.91 7.00
N ALA A 44 -10.17 -7.94 7.49
CA ALA A 44 -9.58 -8.75 8.55
C ALA A 44 -8.31 -9.47 8.12
N ASP A 45 -8.06 -9.58 6.82
CA ASP A 45 -6.86 -10.24 6.31
C ASP A 45 -5.74 -9.25 6.01
N GLY A 46 -5.96 -7.97 6.29
CA GLY A 46 -4.95 -6.95 6.07
C GLY A 46 -5.05 -6.24 4.74
N PHE A 47 -6.01 -6.60 3.88
CA PHE A 47 -6.04 -6.03 2.53
C PHE A 47 -6.73 -4.65 2.52
N LEU A 48 -6.21 -3.78 1.67
CA LEU A 48 -6.74 -2.47 1.39
C LEU A 48 -6.94 -2.31 -0.11
N PRO A 49 -7.91 -1.53 -0.59
CA PRO A 49 -8.00 -1.24 -2.02
C PRO A 49 -6.77 -0.48 -2.47
N ILE A 50 -6.21 -0.90 -3.60
CA ILE A 50 -5.11 -0.16 -4.22
C ILE A 50 -5.57 1.25 -4.59
N THR A 51 -6.82 1.42 -4.99
CA THR A 51 -7.31 2.75 -5.33
C THR A 51 -7.35 3.68 -4.11
N LEU A 52 -7.54 3.15 -2.88
CA LEU A 52 -7.43 4.00 -1.69
C LEU A 52 -6.00 4.51 -1.55
N ILE A 53 -5.02 3.63 -1.66
CA ILE A 53 -3.62 4.03 -1.60
C ILE A 53 -3.29 5.06 -2.67
N ALA A 54 -3.84 4.89 -3.88
CA ALA A 54 -3.61 5.82 -4.99
C ALA A 54 -4.04 7.24 -4.67
N SER A 55 -5.02 7.40 -3.75
CA SER A 55 -5.51 8.72 -3.34
C SER A 55 -4.60 9.43 -2.35
N PHE A 56 -3.66 8.72 -1.72
CA PHE A 56 -2.87 9.37 -0.67
C PHE A 56 -2.00 10.45 -1.31
N HIS A 57 -1.77 11.55 -0.59
CA HIS A 57 -1.18 12.74 -1.21
C HIS A 57 0.18 12.46 -1.87
N ARG A 58 1.07 11.69 -1.21
CA ARG A 58 2.42 11.51 -1.77
C ARG A 58 2.41 10.58 -2.98
N VAL A 59 1.43 9.67 -3.10
CA VAL A 59 1.27 8.87 -4.30
C VAL A 59 0.68 9.67 -5.43
N GLN A 60 -0.43 10.41 -5.13
CA GLN A 60 -1.06 11.21 -6.16
C GLN A 60 -0.12 12.28 -6.70
N ALA A 61 0.83 12.80 -5.89
CA ALA A 61 1.82 13.74 -6.40
C ALA A 61 2.63 13.11 -7.53
N LEU A 62 3.00 11.83 -7.38
CA LEU A 62 3.86 11.12 -8.32
C LEU A 62 3.10 10.70 -9.57
N THR A 63 1.87 10.23 -9.43
CA THR A 63 1.16 9.73 -10.59
C THR A 63 -0.34 9.65 -10.30
N THR A 64 -1.13 9.68 -11.36
CA THR A 64 -2.54 9.25 -11.28
C THR A 64 -2.80 8.06 -12.18
N ASP A 65 -1.75 7.44 -12.70
CA ASP A 65 -1.84 6.27 -13.59
C ASP A 65 -1.91 5.00 -12.76
N ILE A 66 -3.11 4.43 -12.63
CA ILE A 66 -3.28 3.27 -11.75
C ILE A 66 -2.44 2.06 -12.22
N SER A 67 -2.20 1.96 -13.52
CA SER A 67 -1.39 0.90 -14.07
C SER A 67 0.05 0.95 -13.56
N LEU A 68 0.58 2.16 -13.46
CA LEU A 68 1.92 2.30 -12.92
C LEU A 68 2.00 1.93 -11.46
N ILE A 69 0.95 2.26 -10.69
CA ILE A 69 0.89 1.86 -9.30
C ILE A 69 0.90 0.34 -9.18
N PHE A 70 0.04 -0.38 -9.94
CA PHE A 70 0.05 -1.83 -9.93
C PHE A 70 1.45 -2.36 -10.30
N ALA A 71 2.07 -1.80 -11.35
CA ALA A 71 3.38 -2.28 -11.80
C ALA A 71 4.42 -2.06 -10.70
N ALA A 72 4.39 -0.91 -10.04
CA ALA A 72 5.33 -0.60 -8.98
C ALA A 72 5.29 -1.64 -7.87
N LEU A 73 4.09 -2.12 -7.54
CA LEU A 73 3.85 -2.99 -6.41
C LEU A 73 4.05 -4.44 -6.74
N LYS A 74 3.92 -4.81 -8.00
CA LYS A 74 4.25 -6.17 -8.37
C LYS A 74 5.71 -6.45 -8.07
N ASP A 75 6.53 -5.42 -8.14
CA ASP A 75 7.96 -5.56 -7.88
C ASP A 75 8.32 -5.67 -6.41
N SER A 76 7.41 -5.40 -5.49
CA SER A 76 7.78 -5.22 -4.11
C SER A 76 7.91 -6.56 -3.39
N LYS A 77 8.94 -6.69 -2.52
CA LYS A 77 9.01 -7.78 -1.55
C LYS A 77 8.26 -7.52 -0.24
N VAL A 78 7.72 -6.33 -0.05
CA VAL A 78 7.07 -5.92 1.19
C VAL A 78 5.58 -6.19 1.15
N VAL A 79 4.96 -5.99 0.00
CA VAL A 79 3.51 -6.08 -0.14
C VAL A 79 3.16 -7.13 -1.18
N GLU A 80 1.92 -7.63 -1.09
CA GLU A 80 1.28 -8.67 -1.91
C GLU A 80 0.01 -8.07 -2.50
N ILE A 81 -0.27 -8.32 -3.78
CA ILE A 81 -1.49 -7.87 -4.45
C ILE A 81 -2.35 -9.10 -4.70
N VAL A 82 -3.64 -8.99 -4.38
CA VAL A 82 -4.64 -9.95 -4.81
C VAL A 82 -5.75 -9.16 -5.48
N ASP A 83 -5.91 -9.35 -6.80
CA ASP A 83 -6.89 -8.59 -7.56
C ASP A 83 -6.71 -7.11 -7.38
N GLU A 84 -7.69 -6.39 -6.85
CA GLU A 84 -7.61 -4.93 -6.67
C GLU A 84 -7.06 -4.51 -5.29
N LYS A 85 -6.59 -5.43 -4.46
CA LYS A 85 -6.23 -5.13 -3.09
C LYS A 85 -4.76 -5.42 -2.84
N VAL A 86 -4.22 -4.76 -1.81
CA VAL A 86 -2.82 -4.90 -1.41
C VAL A 86 -2.73 -5.04 0.09
N ARG A 87 -1.74 -5.82 0.56
CA ARG A 87 -1.46 -5.97 1.99
C ARG A 87 0.02 -6.19 2.24
N ARG A 88 0.42 -5.94 3.49
CA ARG A 88 1.78 -6.30 3.91
C ARG A 88 1.92 -7.82 3.87
N ARG A 89 3.06 -8.32 3.34
CA ARG A 89 3.24 -9.76 3.24
C ARG A 89 3.43 -10.41 4.61
N GLU A 90 4.21 -9.80 5.50
CA GLU A 90 4.55 -10.36 6.80
C GLU A 90 3.44 -10.11 7.80
N GLU A 91 2.85 -11.19 8.31
CA GLU A 91 1.87 -11.13 9.40
C GLU A 91 0.82 -10.02 9.18
N PRO A 92 0.16 -9.99 8.02
CA PRO A 92 -0.81 -8.89 7.81
C PRO A 92 -1.97 -8.90 8.79
N GLU A 93 -2.34 -10.07 9.32
CA GLU A 93 -3.51 -10.18 10.18
C GLU A 93 -3.32 -9.52 11.55
N LYS A 94 -2.08 -9.13 11.91
CA LYS A 94 -1.85 -8.46 13.19
C LYS A 94 -2.33 -7.01 13.21
N TRP A 95 -2.47 -6.38 12.03
CA TRP A 95 -2.64 -4.93 11.93
C TRP A 95 -4.06 -4.36 11.83
N PRO A 96 -5.05 -5.06 11.27
CA PRO A 96 -6.38 -4.43 11.16
C PRO A 96 -6.89 -3.91 12.51
N LEU A 97 -7.67 -2.83 12.42
CA LEU A 97 -8.36 -2.31 13.59
C LEU A 97 -9.84 -2.11 13.29
N PRO A 98 -10.66 -1.98 14.33
CA PRO A 98 -12.11 -1.76 14.12
C PRO A 98 -12.36 -0.46 13.37
N PRO A 99 -13.35 -0.45 12.47
CA PRO A 99 -13.57 0.66 11.54
C PRO A 99 -13.79 2.02 12.20
#